data_5UBB
#
_entry.id   5UBB
#
_cell.length_a   45.595
_cell.length_b   132.962
_cell.length_c   42.292
_cell.angle_alpha   90.000
_cell.angle_beta   90.000
_cell.angle_gamma   90.000
#
_symmetry.space_group_name_H-M   'P 21 21 2'
#
loop_
_entity.id
_entity.type
_entity.pdbx_description
1 polymer 'Alpha N-terminal protein methyltransferase 1B'
2 non-polymer S-ADENOSYLMETHIONINE
3 non-polymer 'UNKNOWN ATOM OR ION'
4 water water
#
_entity_poly.entity_id   1
_entity_poly.type   'polypeptide(L)'
_entity_poly.pdbx_seq_one_letter_code
;GTSQVINGEMQFYARAKLFYQEVPATEEGMMGNFIELSSPDIQASQKFLRKFVGGPGRAGTDCALDCGSGIGRVSKHVLL
PVFNSVELVDMMESFLLEAQNYLQVKGDKVESYHCYSLQEFTPPFRRYDVIWIQWVSGHLTDKDLLAFLSRCRDGLKENG
IIILKDNVAREGCILDLSDSSVTRDMDILRSLIRKSGLVVLGQEKQDGFPEQCIPVWMFALH
;
_entity_poly.pdbx_strand_id   A
#
loop_
_chem_comp.id
_chem_comp.type
_chem_comp.name
_chem_comp.formula
SAM non-polymer S-ADENOSYLMETHIONINE 'C15 H22 N6 O5 S'
UNX non-polymer 'UNKNOWN ATOM OR ION' ?
#
# COMPACT_ATOMS: atom_id res chain seq x y z
N SER A 3 -16.75 16.07 -18.72
CA SER A 3 -15.93 15.52 -17.65
C SER A 3 -15.15 16.61 -16.93
N GLN A 4 -15.18 16.57 -15.59
CA GLN A 4 -14.53 17.53 -14.70
C GLN A 4 -13.00 17.45 -14.71
N VAL A 5 -12.37 18.62 -14.61
CA VAL A 5 -10.92 18.82 -14.55
C VAL A 5 -10.63 19.25 -13.10
N ILE A 6 -9.65 18.60 -12.45
CA ILE A 6 -9.21 18.92 -11.08
C ILE A 6 -7.73 19.29 -11.16
N ASN A 7 -7.39 20.51 -10.68
CA ASN A 7 -6.04 21.06 -10.62
C ASN A 7 -5.72 21.37 -9.15
N GLY A 8 -4.43 21.60 -8.84
CA GLY A 8 -3.95 21.93 -7.50
C GLY A 8 -3.29 20.78 -6.79
N GLU A 9 -2.36 20.10 -7.49
CA GLU A 9 -1.57 18.95 -6.97
C GLU A 9 -0.86 19.30 -5.71
N MET A 10 -0.19 20.47 -5.67
CA MET A 10 0.59 20.92 -4.52
C MET A 10 -0.29 21.01 -3.27
N GLN A 11 -1.49 21.62 -3.39
CA GLN A 11 -2.44 21.69 -2.28
C GLN A 11 -3.03 20.32 -1.94
N PHE A 12 -3.30 19.46 -2.95
CA PHE A 12 -3.77 18.08 -2.76
C PHE A 12 -2.76 17.35 -1.79
N TYR A 13 -1.46 17.38 -2.10
CA TYR A 13 -0.45 16.75 -1.25
C TYR A 13 -0.25 17.47 0.09
N ALA A 14 -0.22 18.82 0.08
CA ALA A 14 -0.04 19.60 1.32
C ALA A 14 -1.13 19.29 2.36
N ARG A 15 -2.37 19.06 1.92
CA ARG A 15 -3.47 18.76 2.84
C ARG A 15 -3.37 17.37 3.47
N ALA A 16 -2.83 16.38 2.73
CA ALA A 16 -2.70 15.03 3.28
C ALA A 16 -1.71 15.06 4.43
N LYS A 17 -0.65 15.86 4.30
CA LYS A 17 0.33 16.01 5.37
C LYS A 17 -0.30 16.64 6.60
N LEU A 18 -1.10 17.71 6.43
CA LEU A 18 -1.78 18.39 7.54
C LEU A 18 -2.75 17.44 8.25
N PHE A 19 -3.43 16.57 7.49
CA PHE A 19 -4.34 15.56 8.02
C PHE A 19 -3.56 14.52 8.89
N TYR A 20 -2.52 13.89 8.33
CA TYR A 20 -1.75 12.87 9.03
C TYR A 20 -0.94 13.41 10.23
N GLN A 21 -0.77 14.73 10.30
CA GLN A 21 -0.12 15.41 11.43
C GLN A 21 -0.95 15.27 12.71
N GLU A 22 -2.27 15.10 12.56
CA GLU A 22 -3.20 14.95 13.68
C GLU A 22 -3.71 13.52 13.86
N VAL A 23 -3.27 12.57 13.02
CA VAL A 23 -3.68 11.16 13.13
C VAL A 23 -2.81 10.49 14.22
N PRO A 24 -3.41 9.77 15.23
CA PRO A 24 -2.56 9.12 16.24
C PRO A 24 -1.72 7.98 15.64
N ALA A 25 -0.45 7.87 16.09
CA ALA A 25 0.48 6.84 15.64
C ALA A 25 0.17 5.51 16.34
N THR A 26 -1.07 5.03 16.16
CA THR A 26 -1.59 3.81 16.75
C THR A 26 -2.32 3.05 15.68
N GLU A 27 -2.63 1.76 15.93
CA GLU A 27 -3.34 0.89 14.99
C GLU A 27 -4.71 1.51 14.63
N GLU A 28 -5.41 2.08 15.63
CA GLU A 28 -6.73 2.74 15.47
C GLU A 28 -6.66 3.95 14.52
N GLY A 29 -5.53 4.68 14.57
CA GLY A 29 -5.25 5.82 13.71
C GLY A 29 -4.95 5.36 12.29
N MET A 30 -4.32 4.20 12.13
CA MET A 30 -4.00 3.63 10.82
C MET A 30 -5.27 3.15 10.10
N MET A 31 -6.26 2.63 10.87
CA MET A 31 -7.52 2.08 10.39
C MET A 31 -8.62 3.16 10.20
N GLY A 32 -8.50 4.26 10.92
CA GLY A 32 -9.48 5.34 10.87
C GLY A 32 -10.59 5.13 11.87
N ASN A 33 -11.81 4.87 11.38
CA ASN A 33 -12.98 4.60 12.24
C ASN A 33 -13.34 3.10 12.13
N PHE A 34 -12.36 2.27 11.69
CA PHE A 34 -12.58 0.86 11.44
C PHE A 34 -11.50 -0.09 12.03
N ILE A 35 -11.10 0.14 13.31
CA ILE A 35 -10.10 -0.69 13.98
C ILE A 35 -10.59 -2.17 14.14
N GLU A 36 -11.93 -2.38 14.32
CA GLU A 36 -12.55 -3.71 14.41
C GLU A 36 -12.41 -4.53 13.09
N LEU A 37 -11.99 -3.85 12.00
CA LEU A 37 -11.80 -4.42 10.67
C LEU A 37 -10.35 -4.83 10.41
N SER A 38 -9.42 -4.54 11.34
CA SER A 38 -8.00 -4.87 11.20
C SER A 38 -7.77 -6.38 11.18
N SER A 39 -8.40 -7.12 12.12
CA SER A 39 -8.27 -8.58 12.19
C SER A 39 -8.72 -9.25 10.89
N PRO A 40 -9.94 -9.03 10.32
CA PRO A 40 -10.29 -9.71 9.06
C PRO A 40 -9.46 -9.19 7.86
N ASP A 41 -8.95 -7.93 7.93
CA ASP A 41 -8.12 -7.36 6.86
C ASP A 41 -6.83 -8.18 6.81
N ILE A 42 -6.20 -8.36 7.98
CA ILE A 42 -4.95 -9.11 8.14
C ILE A 42 -5.11 -10.58 7.72
N GLN A 43 -6.19 -11.25 8.17
CA GLN A 43 -6.48 -12.65 7.86
C GLN A 43 -6.58 -12.89 6.33
N ALA A 44 -7.29 -12.02 5.64
CA ALA A 44 -7.45 -12.07 4.18
C ALA A 44 -6.10 -11.82 3.45
N SER A 45 -5.27 -10.85 3.94
CA SER A 45 -3.97 -10.53 3.32
C SER A 45 -2.99 -11.69 3.41
N GLN A 46 -2.91 -12.30 4.59
CA GLN A 46 -2.04 -13.45 4.84
C GLN A 46 -2.35 -14.59 3.87
N LYS A 47 -3.64 -14.86 3.66
CA LYS A 47 -4.14 -15.91 2.77
C LYS A 47 -3.83 -15.62 1.32
N PHE A 48 -4.09 -14.39 0.89
CA PHE A 48 -3.88 -13.93 -0.48
C PHE A 48 -2.37 -13.96 -0.80
N LEU A 49 -1.54 -13.38 0.09
CA LEU A 49 -0.09 -13.36 -0.04
C LEU A 49 0.49 -14.77 -0.23
N ARG A 50 0.13 -15.74 0.63
CA ARG A 50 0.68 -17.10 0.58
C ARG A 50 0.56 -17.75 -0.82
N LYS A 51 -0.53 -17.49 -1.56
CA LYS A 51 -0.80 -18.01 -2.92
C LYS A 51 0.26 -17.59 -3.95
N PHE A 52 0.95 -16.46 -3.73
CA PHE A 52 1.92 -15.96 -4.71
C PHE A 52 3.37 -16.07 -4.28
N VAL A 53 3.63 -16.67 -3.11
CA VAL A 53 4.98 -16.85 -2.59
CA VAL A 53 4.96 -16.83 -2.55
C VAL A 53 5.35 -18.34 -2.43
N GLY A 54 6.64 -18.65 -2.61
CA GLY A 54 7.18 -20.01 -2.46
C GLY A 54 7.05 -20.91 -3.68
N GLY A 55 8.12 -21.61 -3.98
CA GLY A 55 8.13 -22.52 -5.11
C GLY A 55 8.64 -21.92 -6.40
N PRO A 56 8.85 -22.77 -7.43
CA PRO A 56 9.35 -22.27 -8.72
C PRO A 56 8.41 -21.27 -9.37
N GLY A 57 9.00 -20.18 -9.83
CA GLY A 57 8.29 -19.07 -10.47
C GLY A 57 7.49 -18.14 -9.58
N ARG A 58 7.45 -18.39 -8.25
CA ARG A 58 6.68 -17.56 -7.32
C ARG A 58 7.63 -16.66 -6.57
N ALA A 59 7.11 -15.66 -5.84
CA ALA A 59 7.96 -14.71 -5.12
C ALA A 59 8.74 -15.36 -3.99
N GLY A 60 9.96 -14.87 -3.77
CA GLY A 60 10.83 -15.34 -2.70
C GLY A 60 10.37 -14.84 -1.35
N THR A 61 11.19 -15.05 -0.33
CA THR A 61 10.84 -14.65 1.06
C THR A 61 11.99 -13.93 1.76
N ASP A 62 12.86 -13.26 1.01
CA ASP A 62 13.97 -12.55 1.67
C ASP A 62 13.66 -11.11 2.09
N CYS A 63 13.07 -10.32 1.20
CA CYS A 63 12.86 -8.90 1.41
C CYS A 63 11.52 -8.42 0.93
N ALA A 64 10.87 -7.58 1.76
CA ALA A 64 9.60 -6.97 1.40
C ALA A 64 9.60 -5.48 1.68
N LEU A 65 8.81 -4.73 0.90
CA LEU A 65 8.66 -3.28 1.12
C LEU A 65 7.22 -2.93 1.46
N ASP A 66 7.02 -2.24 2.59
CA ASP A 66 5.70 -1.80 3.04
C ASP A 66 5.53 -0.29 2.73
N CYS A 67 4.82 0.03 1.59
CA CYS A 67 4.59 1.40 1.08
C CYS A 67 3.43 2.10 1.77
N GLY A 68 3.67 3.31 2.29
CA GLY A 68 2.66 4.03 3.07
C GLY A 68 2.43 3.20 4.32
N SER A 69 3.55 2.71 4.89
CA SER A 69 3.59 1.78 6.04
C SER A 69 2.88 2.24 7.27
N GLY A 70 2.95 3.54 7.52
CA GLY A 70 2.45 4.09 8.77
C GLY A 70 3.41 3.57 9.83
N ILE A 71 2.87 3.13 10.96
CA ILE A 71 3.60 2.54 12.09
C ILE A 71 4.03 1.07 11.78
N GLY A 72 3.53 0.50 10.70
CA GLY A 72 3.88 -0.85 10.28
C GLY A 72 2.90 -1.94 10.65
N ARG A 73 1.58 -1.63 10.55
CA ARG A 73 0.51 -2.58 10.84
C ARG A 73 0.60 -3.81 9.93
N VAL A 74 0.81 -3.58 8.63
CA VAL A 74 0.94 -4.68 7.66
C VAL A 74 2.28 -5.40 7.88
N SER A 75 3.37 -4.67 8.11
CA SER A 75 4.68 -5.26 8.42
C SER A 75 4.60 -6.21 9.61
N LYS A 76 3.93 -5.78 10.71
CA LYS A 76 3.80 -6.58 11.92
C LYS A 76 3.04 -7.90 11.71
N HIS A 77 1.83 -7.84 11.17
CA HIS A 77 0.92 -8.99 11.06
C HIS A 77 0.95 -9.76 9.74
N VAL A 78 1.57 -9.20 8.68
CA VAL A 78 1.60 -9.87 7.37
C VAL A 78 3.02 -10.18 6.90
N LEU A 79 3.86 -9.15 6.79
CA LEU A 79 5.19 -9.25 6.21
C LEU A 79 6.30 -9.84 7.09
N LEU A 80 6.55 -9.29 8.31
CA LEU A 80 7.58 -9.82 9.23
C LEU A 80 7.45 -11.33 9.50
N PRO A 81 6.26 -11.97 9.57
CA PRO A 81 6.23 -13.43 9.76
C PRO A 81 6.72 -14.19 8.52
N VAL A 82 6.62 -13.58 7.31
CA VAL A 82 6.99 -14.26 6.07
C VAL A 82 8.42 -13.93 5.60
N PHE A 83 8.82 -12.64 5.64
CA PHE A 83 10.09 -12.19 5.08
C PHE A 83 11.22 -12.04 6.08
N ASN A 84 12.47 -12.34 5.64
CA ASN A 84 13.68 -12.27 6.48
C ASN A 84 13.91 -10.82 6.92
N SER A 85 13.72 -9.87 5.98
CA SER A 85 13.77 -8.45 6.29
C SER A 85 12.65 -7.69 5.56
N VAL A 86 12.11 -6.70 6.26
CA VAL A 86 11.00 -5.86 5.78
C VAL A 86 11.43 -4.41 5.95
N GLU A 87 11.31 -3.63 4.87
CA GLU A 87 11.57 -2.18 4.89
C GLU A 87 10.23 -1.41 4.83
N LEU A 88 10.20 -0.22 5.43
CA LEU A 88 9.01 0.62 5.53
C LEU A 88 9.27 1.94 4.83
N VAL A 89 8.27 2.46 4.10
CA VAL A 89 8.37 3.78 3.45
C VAL A 89 7.08 4.54 3.76
N ASP A 90 7.25 5.71 4.32
CA ASP A 90 6.12 6.58 4.65
C ASP A 90 6.60 8.03 4.66
N MET A 91 5.74 8.98 4.26
CA MET A 91 6.13 10.38 4.30
C MET A 91 6.21 10.92 5.74
N MET A 92 5.56 10.25 6.68
CA MET A 92 5.48 10.74 8.06
C MET A 92 6.55 10.20 8.98
N GLU A 93 7.48 11.08 9.42
CA GLU A 93 8.57 10.74 10.35
C GLU A 93 8.02 10.20 11.64
N SER A 94 6.89 10.78 12.09
CA SER A 94 6.18 10.42 13.31
C SER A 94 5.80 8.93 13.34
N PHE A 95 5.27 8.42 12.24
CA PHE A 95 4.85 7.02 12.13
C PHE A 95 6.06 6.11 12.05
N LEU A 96 7.12 6.58 11.39
CA LEU A 96 8.35 5.80 11.26
C LEU A 96 9.08 5.66 12.59
N LEU A 97 9.02 6.69 13.44
CA LEU A 97 9.64 6.62 14.77
C LEU A 97 8.85 5.67 15.67
N GLU A 98 7.50 5.77 15.66
CA GLU A 98 6.65 4.86 16.43
C GLU A 98 6.76 3.40 15.96
N ALA A 99 6.98 3.20 14.64
CA ALA A 99 7.20 1.89 14.04
C ALA A 99 8.29 1.12 14.82
N GLN A 100 9.29 1.83 15.35
CA GLN A 100 10.37 1.22 16.13
C GLN A 100 9.87 0.54 17.40
N ASN A 101 8.93 1.20 18.10
CA ASN A 101 8.33 0.62 19.30
C ASN A 101 7.24 -0.39 18.93
N TYR A 102 6.42 -0.06 17.93
CA TYR A 102 5.32 -0.90 17.47
C TYR A 102 5.80 -2.23 16.92
N LEU A 103 6.95 -2.23 16.24
CA LEU A 103 7.52 -3.45 15.68
C LEU A 103 8.50 -4.12 16.65
N GLN A 104 8.78 -3.46 17.80
CA GLN A 104 9.69 -3.91 18.87
C GLN A 104 11.05 -4.29 18.32
N VAL A 105 11.76 -3.29 17.78
CA VAL A 105 13.07 -3.50 17.17
C VAL A 105 14.11 -2.73 17.95
N LYS A 106 15.38 -3.17 17.87
CA LYS A 106 16.50 -2.58 18.60
C LYS A 106 16.78 -1.11 18.26
N GLY A 107 16.64 -0.76 16.99
CA GLY A 107 16.92 0.60 16.53
C GLY A 107 18.41 0.87 16.56
N ASP A 108 19.15 0.36 15.55
CA ASP A 108 20.59 0.52 15.42
N GLU A 111 17.69 2.65 8.10
CA GLU A 111 18.02 1.93 6.86
C GLU A 111 16.80 1.13 6.39
N SER A 112 16.14 0.42 7.31
CA SER A 112 14.89 -0.28 7.03
C SER A 112 13.72 0.74 7.04
N TYR A 113 13.97 2.00 7.47
CA TYR A 113 12.93 3.03 7.57
C TYR A 113 13.20 4.14 6.61
N HIS A 114 12.36 4.26 5.58
CA HIS A 114 12.52 5.28 4.54
C HIS A 114 11.49 6.41 4.68
N CYS A 115 11.93 7.65 5.00
CA CYS A 115 11.00 8.78 5.10
C CYS A 115 10.96 9.59 3.78
N TYR A 116 10.02 9.24 2.90
CA TYR A 116 9.82 9.84 1.57
C TYR A 116 8.34 9.78 1.20
N SER A 117 7.89 10.74 0.36
CA SER A 117 6.53 10.69 -0.19
C SER A 117 6.67 9.75 -1.35
N LEU A 118 5.73 8.82 -1.55
CA LEU A 118 5.83 7.81 -2.61
C LEU A 118 6.08 8.40 -3.99
N GLN A 119 5.42 9.54 -4.33
CA GLN A 119 5.62 10.24 -5.62
C GLN A 119 7.05 10.80 -5.76
N GLU A 120 7.83 10.79 -4.69
CA GLU A 120 9.22 11.23 -4.77
C GLU A 120 10.16 10.03 -4.44
N PHE A 121 9.60 8.80 -4.44
CA PHE A 121 10.35 7.60 -4.07
C PHE A 121 10.57 6.58 -5.18
N THR A 122 11.83 6.10 -5.26
CA THR A 122 12.28 5.07 -6.18
C THR A 122 12.66 3.87 -5.36
N PRO A 123 11.79 2.83 -5.30
CA PRO A 123 12.17 1.60 -4.58
C PRO A 123 13.56 1.08 -5.01
N PRO A 124 14.51 0.83 -4.08
CA PRO A 124 15.82 0.29 -4.52
C PRO A 124 15.71 -0.87 -5.52
N PHE A 125 16.52 -0.74 -6.57
CA PHE A 125 16.61 -1.61 -7.73
C PHE A 125 16.74 -3.10 -7.41
N ARG A 126 15.76 -3.87 -7.91
CA ARG A 126 15.64 -5.31 -7.77
C ARG A 126 15.91 -5.79 -6.33
N ARG A 127 15.47 -5.03 -5.31
CA ARG A 127 15.69 -5.40 -3.91
C ARG A 127 14.59 -6.29 -3.31
N TYR A 128 13.34 -6.14 -3.77
CA TYR A 128 12.23 -6.80 -3.08
C TYR A 128 11.54 -7.95 -3.79
N ASP A 129 11.18 -8.96 -2.99
CA ASP A 129 10.40 -10.12 -3.44
C ASP A 129 8.96 -9.67 -3.49
N VAL A 130 8.53 -8.86 -2.50
CA VAL A 130 7.18 -8.36 -2.46
C VAL A 130 7.14 -6.88 -2.15
N ILE A 131 6.37 -6.11 -2.90
CA ILE A 131 6.15 -4.68 -2.58
C ILE A 131 4.67 -4.53 -2.21
N TRP A 132 4.37 -4.14 -0.94
CA TRP A 132 3.00 -4.04 -0.41
C TRP A 132 2.53 -2.61 -0.43
N ILE A 133 1.40 -2.35 -1.10
CA ILE A 133 0.89 -0.97 -1.21
C ILE A 133 -0.57 -1.00 -0.71
N GLN A 134 -0.76 -0.72 0.60
CA GLN A 134 -2.11 -0.79 1.17
C GLN A 134 -2.66 0.54 1.73
N TRP A 135 -3.88 0.89 1.33
CA TRP A 135 -4.56 2.10 1.79
C TRP A 135 -3.66 3.37 1.70
N VAL A 136 -2.99 3.55 0.54
CA VAL A 136 -2.13 4.71 0.28
C VAL A 136 -2.23 5.16 -1.19
N SER A 137 -2.54 4.24 -2.16
CA SER A 137 -2.62 4.62 -3.57
C SER A 137 -3.63 5.72 -3.83
N GLY A 138 -4.66 5.78 -2.98
CA GLY A 138 -5.71 6.78 -3.04
C GLY A 138 -5.18 8.18 -2.75
N HIS A 139 -4.00 8.29 -2.11
CA HIS A 139 -3.36 9.57 -1.79
C HIS A 139 -2.46 10.06 -2.90
N LEU A 140 -2.27 9.24 -3.96
CA LEU A 140 -1.45 9.65 -5.09
C LEU A 140 -2.39 10.05 -6.20
N THR A 141 -2.03 11.08 -7.00
CA THR A 141 -2.83 11.48 -8.16
C THR A 141 -2.66 10.35 -9.20
N ASP A 142 -3.50 10.32 -10.25
CA ASP A 142 -3.43 9.30 -11.31
C ASP A 142 -2.06 9.25 -11.96
N LYS A 143 -1.50 10.42 -12.28
CA LYS A 143 -0.18 10.56 -12.88
C LYS A 143 0.93 10.03 -11.96
N ASP A 144 0.91 10.43 -10.68
CA ASP A 144 1.95 10.01 -9.73
C ASP A 144 1.86 8.51 -9.37
N LEU A 145 0.63 7.96 -9.33
CA LEU A 145 0.40 6.53 -9.04
C LEU A 145 0.95 5.67 -10.18
N LEU A 146 0.63 6.04 -11.44
CA LEU A 146 1.11 5.37 -12.66
C LEU A 146 2.64 5.32 -12.63
N ALA A 147 3.32 6.50 -12.43
CA ALA A 147 4.80 6.56 -12.38
C ALA A 147 5.41 5.76 -11.22
N PHE A 148 4.78 5.77 -10.04
CA PHE A 148 5.22 5.01 -8.87
C PHE A 148 5.11 3.51 -9.10
N LEU A 149 4.02 3.05 -9.75
CA LEU A 149 3.83 1.62 -10.00
C LEU A 149 4.86 1.12 -11.00
N SER A 150 5.24 1.95 -11.98
CA SER A 150 6.28 1.61 -12.94
C SER A 150 7.65 1.55 -12.24
N ARG A 151 7.87 2.42 -11.23
CA ARG A 151 9.12 2.39 -10.49
C ARG A 151 9.17 1.15 -9.58
N CYS A 152 8.00 0.78 -8.97
CA CYS A 152 7.92 -0.43 -8.13
C CYS A 152 8.33 -1.65 -8.95
N ARG A 153 7.95 -1.70 -10.25
CA ARG A 153 8.31 -2.80 -11.16
C ARG A 153 9.84 -3.05 -11.18
N ASP A 154 10.67 -1.97 -11.20
CA ASP A 154 12.14 -2.08 -11.18
C ASP A 154 12.71 -2.40 -9.78
N GLY A 155 11.89 -2.24 -8.73
CA GLY A 155 12.29 -2.59 -7.37
C GLY A 155 12.15 -4.08 -7.07
N LEU A 156 11.60 -4.83 -8.01
CA LEU A 156 11.30 -6.25 -7.87
C LEU A 156 12.44 -7.20 -8.25
N LYS A 157 12.74 -8.15 -7.33
CA LYS A 157 13.69 -9.24 -7.55
C LYS A 157 13.03 -10.11 -8.62
N GLU A 158 13.79 -11.06 -9.22
CA GLU A 158 13.19 -11.96 -10.21
C GLU A 158 12.03 -12.68 -9.53
N ASN A 159 10.87 -12.78 -10.24
CA ASN A 159 9.61 -13.41 -9.80
C ASN A 159 8.92 -12.67 -8.64
N GLY A 160 9.39 -11.46 -8.35
CA GLY A 160 8.80 -10.63 -7.31
C GLY A 160 7.43 -10.12 -7.73
N ILE A 161 6.64 -9.70 -6.76
CA ILE A 161 5.27 -9.25 -7.03
C ILE A 161 4.98 -8.00 -6.22
N ILE A 162 4.04 -7.22 -6.72
CA ILE A 162 3.51 -6.04 -6.05
C ILE A 162 2.12 -6.45 -5.54
N ILE A 163 1.83 -6.23 -4.26
CA ILE A 163 0.49 -6.49 -3.75
C ILE A 163 -0.16 -5.14 -3.45
N LEU A 164 -1.20 -4.82 -4.21
CA LEU A 164 -1.94 -3.57 -4.04
C LEU A 164 -3.25 -3.91 -3.37
N LYS A 165 -3.47 -3.31 -2.20
CA LYS A 165 -4.72 -3.54 -1.48
C LYS A 165 -5.38 -2.20 -1.18
N ASP A 166 -6.59 -1.99 -1.70
CA ASP A 166 -7.25 -0.69 -1.50
C ASP A 166 -8.77 -0.74 -1.70
N ASN A 167 -9.40 0.41 -1.42
CA ASN A 167 -10.83 0.65 -1.64
C ASN A 167 -11.06 0.84 -3.12
N VAL A 168 -12.07 0.16 -3.67
CA VAL A 168 -12.38 0.26 -5.10
C VAL A 168 -13.87 0.62 -5.23
N ALA A 169 -14.16 1.88 -5.63
CA ALA A 169 -15.54 2.35 -5.81
C ALA A 169 -16.32 1.51 -6.83
N ARG A 170 -17.64 1.36 -6.62
CA ARG A 170 -18.55 0.56 -7.46
C ARG A 170 -18.46 0.98 -8.93
N GLU A 171 -18.70 2.26 -9.16
CA GLU A 171 -18.61 2.92 -10.46
C GLU A 171 -18.48 4.36 -10.13
N GLY A 172 -17.53 5.01 -10.76
CA GLY A 172 -17.26 6.43 -10.55
C GLY A 172 -16.37 6.67 -9.35
N CYS A 173 -15.43 7.59 -9.51
CA CYS A 173 -14.48 7.95 -8.49
C CYS A 173 -15.06 8.87 -7.40
N ILE A 174 -14.48 8.82 -6.19
CA ILE A 174 -14.88 9.65 -5.04
C ILE A 174 -13.65 10.42 -4.55
N LEU A 175 -13.70 11.76 -4.61
CA LEU A 175 -12.60 12.60 -4.12
C LEU A 175 -13.00 13.09 -2.78
N ASP A 176 -12.13 12.94 -1.80
CA ASP A 176 -12.37 13.42 -0.45
C ASP A 176 -11.30 14.44 -0.11
N LEU A 177 -11.71 15.71 -0.02
CA LEU A 177 -10.84 16.84 0.31
C LEU A 177 -10.32 16.83 1.74
N SER A 178 -11.08 16.25 2.70
CA SER A 178 -10.63 16.24 4.10
C SER A 178 -9.28 15.54 4.32
N ASP A 179 -9.06 14.37 3.70
CA ASP A 179 -7.78 13.68 3.84
C ASP A 179 -6.98 13.68 2.56
N SER A 180 -7.48 14.40 1.52
CA SER A 180 -6.91 14.53 0.18
C SER A 180 -6.70 13.14 -0.39
N SER A 181 -7.81 12.40 -0.57
CA SER A 181 -7.77 11.03 -1.08
C SER A 181 -8.78 10.84 -2.20
N VAL A 182 -8.52 9.87 -3.07
CA VAL A 182 -9.42 9.50 -4.17
C VAL A 182 -9.74 8.00 -4.04
N THR A 183 -11.02 7.65 -4.11
CA THR A 183 -11.46 6.27 -4.12
C THR A 183 -11.69 6.03 -5.58
N ARG A 184 -10.75 5.33 -6.25
CA ARG A 184 -10.86 5.05 -7.66
C ARG A 184 -11.82 3.92 -7.88
N ASP A 185 -12.36 3.81 -9.11
CA ASP A 185 -13.20 2.67 -9.42
C ASP A 185 -12.34 1.62 -10.16
N MET A 186 -12.92 0.46 -10.47
CA MET A 186 -12.22 -0.66 -11.10
C MET A 186 -11.68 -0.31 -12.47
N ASP A 187 -12.46 0.40 -13.30
CA ASP A 187 -12.08 0.82 -14.64
C ASP A 187 -10.84 1.74 -14.64
N ILE A 188 -10.84 2.81 -13.81
CA ILE A 188 -9.70 3.75 -13.68
C ILE A 188 -8.44 3.07 -13.11
N LEU A 189 -8.59 2.26 -12.06
CA LEU A 189 -7.47 1.58 -11.41
C LEU A 189 -6.77 0.56 -12.33
N ARG A 190 -7.55 -0.27 -13.04
CA ARG A 190 -7.02 -1.26 -13.99
C ARG A 190 -6.29 -0.58 -15.16
N SER A 191 -6.79 0.58 -15.60
CA SER A 191 -6.16 1.39 -16.66
C SER A 191 -4.78 1.85 -16.22
N LEU A 192 -4.65 2.41 -15.00
CA LEU A 192 -3.38 2.90 -14.45
C LEU A 192 -2.34 1.80 -14.31
N ILE A 193 -2.79 0.60 -13.80
CA ILE A 193 -1.99 -0.61 -13.63
C ILE A 193 -1.44 -1.00 -15.03
N ARG A 194 -2.32 -1.08 -16.04
CA ARG A 194 -1.94 -1.47 -17.41
C ARG A 194 -0.93 -0.49 -18.01
N LYS A 195 -1.17 0.82 -17.80
CA LYS A 195 -0.30 1.88 -18.29
C LYS A 195 1.05 1.93 -17.61
N SER A 196 1.15 1.46 -16.33
CA SER A 196 2.44 1.44 -15.60
C SER A 196 3.39 0.35 -16.13
N GLY A 197 2.84 -0.57 -16.90
CA GLY A 197 3.56 -1.72 -17.45
C GLY A 197 3.36 -2.98 -16.64
N LEU A 198 2.38 -3.00 -15.73
CA LEU A 198 2.10 -4.18 -14.88
C LEU A 198 0.95 -4.99 -15.43
N VAL A 199 0.94 -6.31 -15.12
CA VAL A 199 -0.14 -7.21 -15.49
CA VAL A 199 -0.12 -7.25 -15.50
C VAL A 199 -0.70 -7.85 -14.21
N VAL A 200 -2.02 -8.08 -14.18
CA VAL A 200 -2.68 -8.67 -13.00
C VAL A 200 -2.48 -10.19 -12.99
N LEU A 201 -1.85 -10.71 -11.94
CA LEU A 201 -1.64 -12.14 -11.74
C LEU A 201 -2.85 -12.74 -11.05
N GLY A 202 -3.43 -11.98 -10.15
CA GLY A 202 -4.58 -12.41 -9.37
C GLY A 202 -5.25 -11.26 -8.69
N GLN A 203 -6.49 -11.48 -8.28
CA GLN A 203 -7.33 -10.51 -7.59
C GLN A 203 -8.33 -11.21 -6.67
N GLU A 204 -8.59 -10.60 -5.52
CA GLU A 204 -9.53 -11.16 -4.54
C GLU A 204 -10.26 -10.01 -3.89
N LYS A 205 -11.56 -10.18 -3.65
CA LYS A 205 -12.34 -9.15 -2.95
C LYS A 205 -12.32 -9.49 -1.46
N GLN A 206 -12.05 -8.47 -0.63
CA GLN A 206 -12.03 -8.60 0.83
C GLN A 206 -13.42 -9.01 1.37
N ASP A 207 -13.49 -10.16 2.02
CA ASP A 207 -14.73 -10.66 2.66
C ASP A 207 -14.65 -10.30 4.16
N GLY A 208 -15.78 -10.46 4.85
CA GLY A 208 -15.88 -10.19 6.28
C GLY A 208 -16.02 -8.73 6.67
N PHE A 209 -16.27 -7.84 5.69
CA PHE A 209 -16.45 -6.41 5.94
C PHE A 209 -17.94 -6.05 5.89
N PRO A 210 -18.43 -5.08 6.72
CA PRO A 210 -19.87 -4.73 6.68
C PRO A 210 -20.32 -4.24 5.30
N GLU A 211 -21.58 -4.58 4.92
CA GLU A 211 -22.24 -4.26 3.64
C GLU A 211 -22.16 -2.78 3.26
N GLN A 212 -22.16 -1.89 4.28
CA GLN A 212 -22.08 -0.44 4.14
C GLN A 212 -20.74 0.02 3.55
N CYS A 213 -19.62 -0.61 3.99
CA CYS A 213 -18.25 -0.28 3.56
C CYS A 213 -18.02 -0.40 2.07
N ILE A 214 -17.26 0.58 1.54
CA ILE A 214 -16.81 0.58 0.15
C ILE A 214 -16.05 -0.75 -0.08
N PRO A 215 -16.23 -1.39 -1.25
CA PRO A 215 -15.50 -2.65 -1.50
C PRO A 215 -13.98 -2.49 -1.41
N VAL A 216 -13.31 -3.47 -0.82
CA VAL A 216 -11.85 -3.50 -0.70
C VAL A 216 -11.35 -4.67 -1.57
N TRP A 217 -10.35 -4.40 -2.43
CA TRP A 217 -9.75 -5.40 -3.31
C TRP A 217 -8.27 -5.56 -3.07
N MET A 218 -7.77 -6.76 -3.42
CA MET A 218 -6.37 -7.18 -3.42
C MET A 218 -5.99 -7.57 -4.82
N PHE A 219 -4.83 -7.07 -5.28
CA PHE A 219 -4.29 -7.39 -6.60
C PHE A 219 -2.85 -7.82 -6.43
N ALA A 220 -2.47 -8.87 -7.17
CA ALA A 220 -1.10 -9.38 -7.23
C ALA A 220 -0.64 -8.96 -8.61
N LEU A 221 0.39 -8.12 -8.68
CA LEU A 221 0.83 -7.58 -9.98
C LEU A 221 2.30 -7.84 -10.19
N HIS A 222 2.73 -7.89 -11.47
CA HIS A 222 4.14 -8.07 -11.82
C HIS A 222 4.41 -7.58 -13.25
N SAM B . -0.79 1.14 4.96
CA SAM B . -0.96 1.27 6.40
C SAM B . -1.99 0.25 6.96
O SAM B . -2.67 -0.41 6.13
OXT SAM B . -2.08 0.17 8.20
CB SAM B . -1.40 2.70 6.84
CG SAM B . -2.59 3.25 6.04
SD SAM B . -2.99 4.95 6.50
CE SAM B . -4.69 4.87 5.98
C5' SAM B . -2.19 5.84 5.13
C4' SAM B . -0.67 6.04 5.29
O4' SAM B . -0.10 6.54 4.06
C3' SAM B . -0.19 6.96 6.41
O3' SAM B . 0.86 6.34 7.15
C2' SAM B . 0.32 8.20 5.66
O2' SAM B . 1.37 8.88 6.35
C1' SAM B . 0.81 7.57 4.36
N9 SAM B . 0.85 8.48 3.20
C8 SAM B . -0.18 9.23 2.71
N7 SAM B . 0.11 9.87 1.60
C5 SAM B . 1.42 9.52 1.35
C6 SAM B . 2.32 9.84 0.30
N6 SAM B . 1.98 10.57 -0.76
N1 SAM B . 3.56 9.30 0.34
C2 SAM B . 3.89 8.51 1.37
N3 SAM B . 3.13 8.14 2.40
C4 SAM B . 1.91 8.67 2.34
UNK UNX C . 10.86 -21.76 -2.64
UNK UNX D . 13.91 7.53 -3.66
UNK UNX E . 4.73 16.58 -0.22
UNK UNX F . -5.93 12.10 -10.43
UNK UNX G . -2.98 -17.85 5.61
UNK UNX H . -8.93 3.73 -4.62
UNK UNX I . -5.93 4.79 -0.41
UNK UNX J . 7.64 13.89 8.08
UNK UNX K . 5.90 -14.55 -9.23
UNK UNX L . -5.04 17.29 -8.25
UNK UNX M . -11.29 0.70 6.45
UNK UNX N . 12.90 -5.55 -11.65
UNK UNX O . -8.60 16.36 -13.81
UNK UNX P . -2.77 12.96 -0.93
UNK UNX Q . -9.73 -5.89 14.34
UNK UNX R . 0.33 -19.13 -7.59
UNK UNX S . 5.49 -9.76 13.75
UNK UNX T . 13.09 -6.55 9.04
UNK UNX U . -6.85 -15.92 -0.86
UNK UNX V . 1.17 -0.77 2.79
UNK UNX W . 8.89 -25.40 -12.05
UNK UNX X . -6.57 14.33 11.36
UNK UNX Y . -8.24 12.00 11.80
UNK UNX Z . -0.36 12.33 0.31
UNK UNX AA . -1.35 25.59 -3.52
UNK UNX BA . -1.09 24.94 -0.80
#